data_5RHP
#
_entry.id   5RHP
#
_cell.length_a   53.280
_cell.length_b   69.440
_cell.length_c   56.990
_cell.angle_alpha   90.000
_cell.angle_beta   92.330
_cell.angle_gamma   90.000
#
_symmetry.space_group_name_H-M   'P 1 21 1'
#
loop_
_entity.id
_entity.type
_entity.pdbx_description
1 polymer 'NS3 Helicase'
2 non-polymer 1,2-ETHANEDIOL
3 non-polymer 'PHOSPHATE ION'
4 non-polymer (4S)-2-METHYL-2,4-PENTANEDIOL
5 non-polymer 1-(5-methoxy-1H-indol-3-yl)-N,N-dimethyl-methanamine
6 water water
#
_entity_poly.entity_id   1
_entity_poly.type   'polypeptide(L)'
_entity_poly.pdbx_seq_one_letter_code
;MLKKKQLTVLDLHPGAGKTRRVLPEIVREAIKKRLRTVILAPTRVVAAEMEEALRGLPVRYMTTAVNVTHSGTEIVDLMC
HATFTSRLLQPIRVPNYNLNIMDEAHFTDPSSIAARGYISTRVEMGEAAAIFMTATPPGTRDAFPDSNSPIMDTEVEVPE
RAWSSGFDWVTDHSGKTVWFVPSVRNGNEIAACLTKAGKRVIQLSRKTFETEFQKTKNQEWDFVITTDISEMGANFKADR
VIDSRRCLKPVILDGERVILAGPMPVTHASAAQRRGRIGRNPNKPGDEYMYGGGCAETDEGHAHWLEARMLLDNIYLQDG
LIASLYRPEADKVAAIEGEFKLRTEQRKTFVELMKRGDLPVWLAYQVASAGITYTDRRWCFDGTTNNTIMEDSVPAEVWT
KYGEKRVLKPRWMDARVCSDHAALKSFKEFAAGKR
;
_entity_poly.pdbx_strand_id   A
#
loop_
_chem_comp.id
_chem_comp.type
_chem_comp.name
_chem_comp.formula
7ZC non-polymer 1-(5-methoxy-1H-indol-3-yl)-N,N-dimethyl-methanamine 'C12 H16 N2 O'
EDO non-polymer 1,2-ETHANEDIOL 'C2 H6 O2'
MPD non-polymer (4S)-2-METHYL-2,4-PENTANEDIOL 'C6 H14 O2'
PO4 non-polymer 'PHOSPHATE ION' 'O4 P -3'
#
# COMPACT_ATOMS: atom_id res chain seq x y z
N MET A 1 -6.39 9.35 25.46
CA MET A 1 -6.23 9.48 23.98
C MET A 1 -7.52 10.00 23.33
N LEU A 2 -8.68 9.93 24.02
CA LEU A 2 -10.04 10.01 23.38
C LEU A 2 -10.66 11.42 23.53
N LYS A 3 -9.89 12.41 24.03
CA LYS A 3 -10.25 13.85 24.03
C LYS A 3 -10.27 14.39 22.59
N LYS A 4 -11.27 15.21 22.27
CA LYS A 4 -11.39 15.86 20.93
C LYS A 4 -10.10 16.64 20.66
N LYS A 5 -9.94 17.07 19.41
CA LYS A 5 -8.79 17.84 18.87
C LYS A 5 -7.47 17.16 19.23
N GLN A 6 -7.44 15.87 19.62
CA GLN A 6 -6.15 15.17 19.91
C GLN A 6 -5.78 14.17 18.80
N LEU A 7 -4.56 14.23 18.27
CA LEU A 7 -3.99 13.14 17.43
C LEU A 7 -2.88 12.46 18.24
N THR A 8 -3.06 11.20 18.59
CA THR A 8 -2.06 10.39 19.31
C THR A 8 -1.34 9.48 18.35
N VAL A 9 -0.02 9.44 18.41
CA VAL A 9 0.80 8.50 17.61
C VAL A 9 1.19 7.40 18.58
N LEU A 10 0.65 6.21 18.38
CA LEU A 10 0.94 5.02 19.20
C LEU A 10 2.06 4.28 18.49
N ASP A 11 3.28 4.50 18.98
CA ASP A 11 4.52 4.11 18.28
C ASP A 11 5.21 3.00 19.07
N LEU A 12 4.46 2.12 19.72
CA LEU A 12 5.05 0.91 20.35
C LEU A 12 5.81 0.15 19.26
N HIS A 13 6.89 -0.52 19.63
CA HIS A 13 7.71 -1.32 18.68
C HIS A 13 6.90 -2.41 18.00
N PRO A 14 7.37 -2.92 16.83
CA PRO A 14 6.66 -3.99 16.13
C PRO A 14 6.50 -5.21 17.05
N GLY A 15 5.30 -5.81 17.05
CA GLY A 15 4.91 -6.95 17.89
C GLY A 15 4.63 -6.60 19.35
N ALA A 16 4.56 -5.31 19.71
CA ALA A 16 4.30 -4.83 21.10
C ALA A 16 2.84 -5.07 21.51
N GLY A 17 1.96 -5.36 20.56
CA GLY A 17 0.52 -5.66 20.81
C GLY A 17 -0.41 -4.50 20.47
N LYS A 18 -0.02 -3.63 19.54
CA LYS A 18 -0.88 -2.46 19.17
C LYS A 18 -2.22 -3.00 18.68
N THR A 19 -2.18 -3.98 17.79
CA THR A 19 -3.39 -4.46 17.09
C THR A 19 -4.18 -5.37 18.02
N ARG A 20 -3.53 -6.32 18.71
CA ARG A 20 -4.28 -7.38 19.42
C ARG A 20 -4.56 -7.00 20.87
N ARG A 21 -3.80 -6.10 21.49
CA ARG A 21 -4.03 -5.78 22.93
C ARG A 21 -4.58 -4.36 23.06
N VAL A 22 -3.91 -3.36 22.49
CA VAL A 22 -4.25 -1.92 22.72
C VAL A 22 -5.53 -1.59 21.95
N LEU A 23 -5.65 -2.01 20.69
CA LEU A 23 -6.80 -1.56 19.87
C LEU A 23 -8.11 -1.97 20.54
N PRO A 24 -8.29 -3.22 21.06
CA PRO A 24 -9.55 -3.59 21.71
C PRO A 24 -9.86 -2.74 22.95
N GLU A 25 -8.82 -2.33 23.70
CA GLU A 25 -9.00 -1.43 24.87
C GLU A 25 -9.53 -0.09 24.38
N ILE A 26 -8.94 0.45 23.31
CA ILE A 26 -9.39 1.76 22.75
C ILE A 26 -10.88 1.65 22.36
N VAL A 27 -11.22 0.59 21.63
CA VAL A 27 -12.59 0.39 21.07
C VAL A 27 -13.60 0.28 22.22
N ARG A 28 -13.27 -0.48 23.26
CA ARG A 28 -14.11 -0.63 24.47
C ARG A 28 -14.35 0.73 25.11
N GLU A 29 -13.30 1.54 25.22
CA GLU A 29 -13.45 2.90 25.79
C GLU A 29 -14.32 3.78 24.87
N ALA A 30 -14.12 3.71 23.57
CA ALA A 30 -14.87 4.50 22.57
C ALA A 30 -16.37 4.22 22.67
N ILE A 31 -16.72 2.95 22.74
CA ILE A 31 -18.13 2.46 22.83
C ILE A 31 -18.72 2.98 24.16
N LYS A 32 -17.97 2.86 25.26
CA LYS A 32 -18.36 3.44 26.59
C LYS A 32 -18.70 4.93 26.44
N LYS A 33 -17.90 5.72 25.70
CA LYS A 33 -18.10 7.18 25.55
C LYS A 33 -19.03 7.52 24.41
N ARG A 34 -19.62 6.52 23.75
CA ARG A 34 -20.51 6.73 22.58
C ARG A 34 -19.83 7.58 21.51
N LEU A 35 -18.57 7.31 21.22
CA LEU A 35 -17.86 7.97 20.08
C LEU A 35 -18.12 7.13 18.83
N ARG A 36 -18.71 7.75 17.82
CA ARG A 36 -18.79 7.14 16.49
C ARG A 36 -17.35 6.99 16.01
N THR A 37 -16.93 5.76 15.74
CA THR A 37 -15.49 5.40 15.57
C THR A 37 -15.28 4.70 14.25
N VAL A 38 -14.22 5.06 13.54
CA VAL A 38 -13.77 4.25 12.39
C VAL A 38 -12.41 3.65 12.72
N ILE A 39 -12.21 2.41 12.32
CA ILE A 39 -10.95 1.64 12.41
C ILE A 39 -10.51 1.36 10.97
N LEU A 40 -9.31 1.79 10.61
CA LEU A 40 -8.80 1.69 9.24
C LEU A 40 -7.69 0.65 9.22
N ALA A 41 -7.92 -0.43 8.51
CA ALA A 41 -6.98 -1.54 8.29
C ALA A 41 -6.26 -1.30 6.97
N PRO A 42 -4.94 -1.56 6.85
CA PRO A 42 -4.28 -1.34 5.57
C PRO A 42 -4.68 -2.33 4.45
N THR A 43 -4.99 -3.57 4.83
CA THR A 43 -5.30 -4.69 3.93
C THR A 43 -6.41 -5.51 4.54
N ARG A 44 -7.02 -6.37 3.73
CA ARG A 44 -8.13 -7.25 4.18
C ARG A 44 -7.56 -8.31 5.14
N VAL A 45 -6.29 -8.68 4.96
CA VAL A 45 -5.63 -9.65 5.89
C VAL A 45 -5.54 -9.03 7.28
N VAL A 46 -5.22 -7.76 7.38
CA VAL A 46 -5.20 -7.09 8.71
C VAL A 46 -6.63 -6.96 9.22
N ALA A 47 -7.58 -6.57 8.37
CA ALA A 47 -8.99 -6.47 8.77
C ALA A 47 -9.45 -7.79 9.44
N ALA A 48 -9.09 -8.94 8.88
CA ALA A 48 -9.45 -10.28 9.43
C ALA A 48 -8.73 -10.49 10.77
N GLU A 49 -7.47 -10.08 10.93
CA GLU A 49 -6.74 -10.22 12.22
C GLU A 49 -7.41 -9.35 13.29
N MET A 50 -7.89 -8.18 12.89
CA MET A 50 -8.59 -7.25 13.80
C MET A 50 -9.92 -7.86 14.23
N GLU A 51 -10.66 -8.47 13.30
CA GLU A 51 -11.97 -9.08 13.67
C GLU A 51 -11.71 -10.09 14.80
N GLU A 52 -10.65 -10.88 14.69
CA GLU A 52 -10.31 -11.88 15.74
C GLU A 52 -10.02 -11.16 17.06
N ALA A 53 -9.25 -10.08 17.04
CA ALA A 53 -8.86 -9.32 18.25
C ALA A 53 -10.07 -8.61 18.84
N LEU A 54 -11.06 -8.29 18.01
CA LEU A 54 -12.22 -7.45 18.45
C LEU A 54 -13.44 -8.34 18.66
N ARG A 55 -13.28 -9.65 18.45
CA ARG A 55 -14.42 -10.61 18.46
C ARG A 55 -15.26 -10.37 19.71
N GLY A 56 -16.56 -10.18 19.52
CA GLY A 56 -17.52 -9.98 20.64
C GLY A 56 -17.63 -8.54 21.11
N LEU A 57 -16.90 -7.60 20.48
CA LEU A 57 -17.22 -6.14 20.54
C LEU A 57 -18.12 -5.80 19.36
N PRO A 58 -19.06 -4.86 19.52
CA PRO A 58 -19.96 -4.45 18.44
C PRO A 58 -19.28 -3.55 17.39
N VAL A 59 -18.76 -4.19 16.35
CA VAL A 59 -18.03 -3.52 15.23
C VAL A 59 -18.67 -3.90 13.91
N ARG A 60 -18.99 -2.90 13.08
CA ARG A 60 -19.54 -3.06 11.71
C ARG A 60 -18.37 -3.20 10.74
N TYR A 61 -18.24 -4.39 10.14
CA TYR A 61 -17.12 -4.77 9.24
C TYR A 61 -17.52 -4.40 7.83
N MET A 62 -17.02 -3.25 7.38
CA MET A 62 -17.36 -2.68 6.06
C MET A 62 -16.34 -3.17 5.05
N THR A 63 -16.20 -4.49 4.94
CA THR A 63 -15.14 -5.14 4.14
C THR A 63 -15.55 -6.59 3.82
N THR A 64 -15.05 -7.10 2.68
CA THR A 64 -15.16 -8.51 2.24
C THR A 64 -14.19 -9.38 3.05
N ALA A 65 -13.28 -8.78 3.81
CA ALA A 65 -12.22 -9.48 4.59
C ALA A 65 -12.83 -10.54 5.51
N VAL A 66 -14.06 -10.29 5.97
CA VAL A 66 -14.68 -10.97 7.13
C VAL A 66 -16.11 -11.32 6.70
N ASN A 67 -16.61 -12.42 7.24
CA ASN A 67 -18.00 -12.91 7.09
C ASN A 67 -18.63 -12.88 8.48
N VAL A 68 -19.31 -11.79 8.80
CA VAL A 68 -19.98 -11.54 10.11
C VAL A 68 -21.35 -10.90 9.83
N THR A 69 -22.34 -11.23 10.65
CA THR A 69 -23.71 -10.67 10.58
C THR A 69 -23.78 -9.47 11.55
N HIS A 70 -24.01 -8.26 11.02
CA HIS A 70 -24.06 -6.99 11.80
C HIS A 70 -25.45 -6.76 12.40
N SER A 71 -25.51 -6.38 13.68
CA SER A 71 -26.75 -6.17 14.48
C SER A 71 -27.49 -4.91 14.00
N GLY A 72 -26.80 -3.98 13.33
CA GLY A 72 -27.33 -2.66 12.97
C GLY A 72 -27.23 -1.65 14.10
N THR A 73 -26.74 -2.04 15.28
CA THR A 73 -26.58 -1.13 16.44
C THR A 73 -25.12 -0.72 16.66
N GLU A 74 -24.20 -1.12 15.79
CA GLU A 74 -22.76 -0.79 15.99
C GLU A 74 -22.55 0.71 15.74
N ILE A 75 -21.71 1.34 16.56
CA ILE A 75 -21.23 2.73 16.28
C ILE A 75 -19.74 2.73 15.93
N VAL A 76 -19.15 1.54 15.80
CA VAL A 76 -17.73 1.38 15.42
C VAL A 76 -17.73 0.71 14.05
N ASP A 77 -17.15 1.39 13.05
CA ASP A 77 -17.01 0.84 11.68
C ASP A 77 -15.57 0.43 11.48
N LEU A 78 -15.33 -0.65 10.75
CA LEU A 78 -13.97 -1.06 10.35
C LEU A 78 -13.95 -1.16 8.83
N MET A 79 -12.95 -0.56 8.20
CA MET A 79 -12.82 -0.69 6.74
C MET A 79 -11.35 -0.50 6.40
N CYS A 80 -11.01 -0.76 5.16
CA CYS A 80 -9.62 -0.58 4.70
C CYS A 80 -9.30 0.90 4.51
N HIS A 81 -8.03 1.29 4.65
CA HIS A 81 -7.63 2.69 4.34
C HIS A 81 -8.24 3.11 3.01
N ALA A 82 -8.07 2.29 1.97
CA ALA A 82 -8.49 2.64 0.60
C ALA A 82 -10.00 2.82 0.49
N THR A 83 -10.76 2.03 1.24
CA THR A 83 -12.23 2.13 1.27
C THR A 83 -12.67 3.47 1.87
N PHE A 84 -12.03 3.91 2.95
CA PHE A 84 -12.31 5.21 3.59
C PHE A 84 -12.17 6.31 2.54
N THR A 85 -10.99 6.35 1.92
CA THR A 85 -10.72 7.41 0.92
C THR A 85 -11.70 7.29 -0.26
N SER A 86 -11.97 6.07 -0.70
CA SER A 86 -12.91 5.80 -1.81
C SER A 86 -14.28 6.40 -1.46
N ARG A 87 -14.79 6.07 -0.26
CA ARG A 87 -16.15 6.51 0.14
C ARG A 87 -16.14 8.03 0.28
N LEU A 88 -15.04 8.65 0.72
CA LEU A 88 -14.98 10.14 0.80
C LEU A 88 -15.12 10.74 -0.60
N LEU A 89 -14.42 10.18 -1.58
CA LEU A 89 -14.43 10.67 -2.98
C LEU A 89 -15.81 10.51 -3.63
N GLN A 90 -16.49 9.41 -3.32
CA GLN A 90 -17.80 9.08 -3.94
C GLN A 90 -18.92 9.90 -3.30
N PRO A 91 -20.05 10.00 -4.05
CA PRO A 91 -21.24 10.71 -3.61
C PRO A 91 -22.01 9.76 -2.69
N ILE A 92 -21.37 9.47 -1.57
CA ILE A 92 -21.85 8.58 -0.48
C ILE A 92 -21.50 9.32 0.80
N ARG A 93 -22.44 9.33 1.74
CA ARG A 93 -22.35 9.94 3.08
C ARG A 93 -21.34 9.12 3.90
N VAL A 94 -20.26 9.78 4.30
CA VAL A 94 -19.33 9.19 5.30
C VAL A 94 -19.68 9.93 6.58
N PRO A 95 -19.99 9.20 7.65
CA PRO A 95 -20.28 9.87 8.90
C PRO A 95 -19.07 10.71 9.33
N ASN A 96 -19.31 11.72 10.15
CA ASN A 96 -18.21 12.57 10.71
C ASN A 96 -17.72 11.89 11.99
N TYR A 97 -16.86 10.86 11.87
CA TYR A 97 -16.36 10.02 12.98
C TYR A 97 -15.72 10.93 14.03
N ASN A 98 -16.10 10.70 15.29
CA ASN A 98 -15.55 11.42 16.46
C ASN A 98 -14.14 10.92 16.74
N LEU A 99 -13.90 9.63 16.47
CA LEU A 99 -12.61 8.96 16.73
C LEU A 99 -12.20 8.21 15.47
N ASN A 100 -10.98 8.49 15.03
CA ASN A 100 -10.43 7.92 13.77
C ASN A 100 -9.17 7.13 14.14
N ILE A 101 -9.22 5.81 14.03
CA ILE A 101 -8.08 4.93 14.36
C ILE A 101 -7.48 4.37 13.09
N MET A 102 -6.20 4.66 12.82
CA MET A 102 -5.54 4.09 11.64
C MET A 102 -4.48 3.11 12.10
N ASP A 103 -4.65 1.82 11.76
CA ASP A 103 -3.64 0.77 12.04
C ASP A 103 -2.65 0.76 10.87
N GLU A 104 -1.41 0.38 11.15
CA GLU A 104 -0.30 0.37 10.17
C GLU A 104 -0.30 1.71 9.43
N ALA A 105 -0.26 2.81 10.20
CA ALA A 105 -0.42 4.21 9.77
C ALA A 105 0.83 4.70 9.03
N HIS A 106 1.83 3.84 8.83
CA HIS A 106 3.05 4.12 8.02
C HIS A 106 2.75 3.90 6.53
N PHE A 107 1.64 3.28 6.17
CA PHE A 107 1.39 2.80 4.79
C PHE A 107 1.50 4.00 3.84
N THR A 108 2.30 3.86 2.78
CA THR A 108 2.58 4.99 1.86
C THR A 108 1.82 4.86 0.53
N ASP A 109 0.78 4.02 0.44
CA ASP A 109 -0.10 4.05 -0.76
C ASP A 109 -0.87 5.39 -0.75
N PRO A 110 -1.14 5.93 -1.94
CA PRO A 110 -1.79 7.23 -2.02
C PRO A 110 -3.06 7.36 -1.19
N SER A 111 -3.93 6.36 -1.20
CA SER A 111 -5.19 6.39 -0.42
C SER A 111 -4.92 6.48 1.08
N SER A 112 -3.80 5.92 1.54
CA SER A 112 -3.47 5.91 2.98
C SER A 112 -2.97 7.30 3.32
N ILE A 113 -2.04 7.83 2.54
CA ILE A 113 -1.55 9.21 2.77
C ILE A 113 -2.75 10.16 2.80
N ALA A 114 -3.65 10.05 1.81
CA ALA A 114 -4.84 10.94 1.72
C ALA A 114 -5.69 10.79 2.99
N ALA A 115 -5.95 9.57 3.41
CA ALA A 115 -6.76 9.32 4.62
C ALA A 115 -6.10 10.03 5.83
N ARG A 116 -4.76 9.94 5.96
CA ARG A 116 -4.06 10.59 7.09
C ARG A 116 -4.27 12.10 6.99
N GLY A 117 -4.22 12.65 5.79
CA GLY A 117 -4.32 14.10 5.57
C GLY A 117 -5.71 14.61 5.96
N TYR A 118 -6.73 13.90 5.49
CA TYR A 118 -8.12 14.18 5.83
C TYR A 118 -8.31 14.12 7.35
N ILE A 119 -7.88 13.04 7.99
CA ILE A 119 -8.17 12.80 9.42
C ILE A 119 -7.44 13.89 10.22
N SER A 120 -6.16 14.11 9.90
CA SER A 120 -5.30 15.01 10.70
C SER A 120 -5.84 16.42 10.53
N THR A 121 -6.37 16.77 9.35
CA THR A 121 -6.98 18.09 9.10
C THR A 121 -8.19 18.22 10.03
N ARG A 122 -9.00 17.17 10.13
CA ARG A 122 -10.23 17.24 10.96
C ARG A 122 -9.80 17.47 12.41
N VAL A 123 -8.73 16.80 12.86
CA VAL A 123 -8.22 16.92 14.26
C VAL A 123 -7.70 18.36 14.43
N GLU A 124 -6.88 18.85 13.50
CA GLU A 124 -6.36 20.25 13.53
C GLU A 124 -7.51 21.27 13.59
N MET A 125 -8.64 21.04 12.92
CA MET A 125 -9.84 21.90 12.97
C MET A 125 -10.59 21.76 14.31
N GLY A 126 -10.24 20.83 15.19
CA GLY A 126 -10.91 20.67 16.49
C GLY A 126 -12.21 19.88 16.38
N GLU A 127 -12.35 19.09 15.32
CA GLU A 127 -13.61 18.42 14.95
C GLU A 127 -13.64 16.97 15.42
N ALA A 128 -12.50 16.35 15.69
CA ALA A 128 -12.38 14.90 15.88
C ALA A 128 -11.09 14.55 16.61
N ALA A 129 -11.01 13.34 17.11
CA ALA A 129 -9.77 12.76 17.67
C ALA A 129 -9.25 11.72 16.67
N ALA A 130 -7.98 11.41 16.76
CA ALA A 130 -7.37 10.35 15.92
C ALA A 130 -6.25 9.67 16.65
N ILE A 131 -6.08 8.41 16.33
CA ILE A 131 -4.96 7.60 16.83
C ILE A 131 -4.33 6.96 15.59
N PHE A 132 -3.04 7.20 15.38
CA PHE A 132 -2.25 6.56 14.31
C PHE A 132 -1.36 5.50 14.96
N MET A 133 -1.58 4.24 14.65
CA MET A 133 -0.82 3.14 15.27
C MET A 133 0.27 2.71 14.27
N THR A 134 1.55 2.90 14.62
CA THR A 134 2.69 2.40 13.82
C THR A 134 3.95 2.53 14.66
N ALA A 135 4.77 1.49 14.62
CA ALA A 135 6.13 1.51 15.15
C ALA A 135 7.00 2.53 14.41
N THR A 136 6.64 2.94 13.18
CA THR A 136 7.52 3.73 12.29
C THR A 136 6.78 4.94 11.73
N PRO A 137 6.51 5.98 12.54
CA PRO A 137 5.82 7.15 12.04
C PRO A 137 6.68 7.88 11.01
N PRO A 138 6.08 8.75 10.17
CA PRO A 138 6.82 9.48 9.15
C PRO A 138 8.10 10.16 9.62
N GLY A 139 9.22 9.89 8.92
CA GLY A 139 10.53 10.53 9.16
C GLY A 139 11.38 9.77 10.17
N THR A 140 10.89 8.65 10.72
CA THR A 140 11.68 7.78 11.62
C THR A 140 13.02 7.51 10.93
N ARG A 141 14.07 7.50 11.71
CA ARG A 141 15.47 7.34 11.24
C ARG A 141 16.06 6.05 11.82
N ASP A 142 15.24 5.23 12.49
CA ASP A 142 15.73 4.01 13.20
C ASP A 142 15.22 2.77 12.46
N ALA A 143 16.10 2.12 11.70
CA ALA A 143 15.79 0.86 10.97
C ALA A 143 15.84 -0.34 11.91
N PHE A 144 16.28 -0.17 13.15
CA PHE A 144 16.54 -1.32 14.08
C PHE A 144 15.84 -1.09 15.41
N PRO A 145 14.51 -0.95 15.41
CA PRO A 145 13.78 -0.75 16.66
C PRO A 145 13.77 -1.99 17.57
N ASP A 146 13.25 -1.81 18.77
CA ASP A 146 13.10 -2.95 19.71
C ASP A 146 12.23 -4.06 19.08
N SER A 147 12.37 -5.29 19.59
CA SER A 147 11.60 -6.47 19.17
C SER A 147 11.24 -7.30 20.41
N ASN A 148 10.30 -8.20 20.29
CA ASN A 148 9.90 -9.12 21.40
C ASN A 148 11.06 -10.03 21.79
N SER A 149 11.90 -10.46 20.84
CA SER A 149 13.12 -11.23 21.14
C SER A 149 14.27 -10.71 20.33
N PRO A 150 15.50 -10.93 20.81
CA PRO A 150 16.69 -10.47 20.10
C PRO A 150 16.73 -10.96 18.65
N ILE A 151 17.15 -10.02 17.77
CA ILE A 151 17.38 -10.26 16.33
C ILE A 151 18.87 -10.25 16.03
N MET A 152 19.33 -11.18 15.18
CA MET A 152 20.71 -11.19 14.63
C MET A 152 20.67 -10.35 13.34
N ASP A 153 21.16 -9.11 13.39
CA ASP A 153 21.22 -8.17 12.22
C ASP A 153 22.55 -8.41 11.49
N THR A 154 22.53 -8.80 10.22
CA THR A 154 23.77 -8.97 9.45
C THR A 154 23.65 -8.21 8.13
N GLU A 155 24.56 -7.27 7.89
CA GLU A 155 24.77 -6.67 6.56
C GLU A 155 25.44 -7.69 5.67
N VAL A 156 24.81 -8.06 4.56
CA VAL A 156 25.30 -9.11 3.62
C VAL A 156 24.84 -8.76 2.20
N GLU A 157 25.63 -9.15 1.19
CA GLU A 157 25.19 -9.04 -0.21
C GLU A 157 24.03 -10.02 -0.41
N VAL A 158 22.92 -9.49 -0.90
CA VAL A 158 21.67 -10.28 -1.15
C VAL A 158 21.48 -10.36 -2.66
N PRO A 159 21.23 -11.56 -3.22
CA PRO A 159 20.94 -11.69 -4.65
C PRO A 159 19.71 -10.90 -5.08
N GLU A 160 19.75 -10.31 -6.27
CA GLU A 160 18.56 -9.70 -6.92
C GLU A 160 18.33 -10.33 -8.28
N ARG A 161 19.05 -11.42 -8.55
CA ARG A 161 18.99 -12.22 -9.78
C ARG A 161 19.15 -13.68 -9.40
N ALA A 162 18.84 -14.59 -10.30
CA ALA A 162 19.23 -16.00 -10.16
C ALA A 162 20.73 -16.07 -9.88
N TRP A 163 21.18 -17.05 -9.09
CA TRP A 163 22.63 -17.23 -8.81
C TRP A 163 22.97 -18.73 -8.94
N SER A 164 24.23 -19.05 -9.23
CA SER A 164 24.73 -20.45 -9.32
C SER A 164 25.68 -20.76 -8.18
N SER A 165 26.18 -19.74 -7.49
CA SER A 165 27.24 -19.86 -6.47
C SER A 165 27.37 -18.55 -5.68
N GLY A 166 28.03 -18.62 -4.54
CA GLY A 166 28.41 -17.41 -3.78
C GLY A 166 27.43 -17.03 -2.68
N PHE A 167 26.25 -17.67 -2.62
CA PHE A 167 25.21 -17.33 -1.61
C PHE A 167 24.73 -18.61 -0.89
N ASP A 168 25.64 -19.50 -0.51
CA ASP A 168 25.26 -20.81 0.09
C ASP A 168 24.36 -20.57 1.32
N TRP A 169 24.61 -19.49 2.08
CA TRP A 169 23.84 -19.13 3.31
C TRP A 169 22.35 -18.99 3.00
N VAL A 170 21.99 -18.59 1.79
CA VAL A 170 20.55 -18.45 1.45
C VAL A 170 19.87 -19.82 1.49
N THR A 171 20.41 -20.82 0.80
CA THR A 171 19.74 -22.13 0.62
C THR A 171 20.09 -23.10 1.77
N ASP A 172 21.19 -22.87 2.49
CA ASP A 172 21.70 -23.79 3.52
C ASP A 172 20.79 -23.75 4.75
N HIS A 173 19.90 -22.78 4.82
CA HIS A 173 18.97 -22.54 5.94
C HIS A 173 17.85 -23.59 5.93
N SER A 174 17.46 -24.07 7.10
CA SER A 174 16.46 -25.15 7.27
C SER A 174 15.15 -24.57 7.85
N GLY A 175 15.08 -23.27 8.10
CA GLY A 175 13.85 -22.63 8.62
C GLY A 175 13.05 -21.97 7.51
N LYS A 176 12.28 -20.96 7.88
CA LYS A 176 11.35 -20.25 6.98
C LYS A 176 11.80 -18.81 6.84
N THR A 177 11.83 -18.34 5.60
CA THR A 177 12.44 -17.05 5.23
C THR A 177 11.41 -16.18 4.53
N VAL A 178 11.28 -14.95 4.98
CA VAL A 178 10.50 -13.91 4.25
C VAL A 178 11.52 -13.03 3.55
N TRP A 179 11.43 -12.93 2.23
CA TRP A 179 12.46 -12.23 1.41
C TRP A 179 11.77 -11.08 0.69
N PHE A 180 12.17 -9.86 1.04
CA PHE A 180 11.64 -8.61 0.46
C PHE A 180 12.47 -8.25 -0.78
N VAL A 181 11.77 -8.23 -1.90
CA VAL A 181 12.35 -7.93 -3.24
C VAL A 181 11.83 -6.56 -3.69
N PRO A 182 12.56 -5.88 -4.61
CA PRO A 182 12.13 -4.56 -5.05
C PRO A 182 11.00 -4.54 -6.06
N SER A 183 10.66 -5.67 -6.66
CA SER A 183 9.57 -5.68 -7.68
C SER A 183 9.04 -7.10 -7.86
N VAL A 184 7.85 -7.22 -8.44
CA VAL A 184 7.24 -8.52 -8.79
C VAL A 184 8.20 -9.26 -9.72
N ARG A 185 8.69 -8.59 -10.77
CA ARG A 185 9.55 -9.23 -11.79
C ARG A 185 10.83 -9.78 -11.14
N ASN A 186 11.46 -9.02 -10.22
N ASN A 186 11.43 -8.99 -10.23
CA ASN A 186 12.68 -9.49 -9.51
CA ASN A 186 12.61 -9.42 -9.45
C ASN A 186 12.30 -10.69 -8.63
C ASN A 186 12.27 -10.68 -8.66
N GLY A 187 11.17 -10.63 -7.92
CA GLY A 187 10.69 -11.79 -7.11
C GLY A 187 10.50 -13.04 -7.96
N ASN A 188 9.97 -12.90 -9.18
CA ASN A 188 9.73 -14.04 -10.11
C ASN A 188 11.05 -14.77 -10.40
N GLU A 189 12.13 -14.04 -10.66
CA GLU A 189 13.43 -14.63 -11.02
C GLU A 189 14.06 -15.30 -9.80
N ILE A 190 14.02 -14.64 -8.63
CA ILE A 190 14.53 -15.25 -7.37
C ILE A 190 13.68 -16.49 -7.05
N ALA A 191 12.35 -16.38 -7.15
CA ALA A 191 11.45 -17.51 -6.82
C ALA A 191 11.80 -18.72 -7.69
N ALA A 192 11.99 -18.50 -8.99
CA ALA A 192 12.29 -19.59 -9.93
C ALA A 192 13.64 -20.22 -9.57
N CYS A 193 14.63 -19.42 -9.18
CA CYS A 193 15.95 -19.94 -8.78
C CYS A 193 15.79 -20.84 -7.54
N LEU A 194 15.06 -20.38 -6.52
CA LEU A 194 14.85 -21.16 -5.29
C LEU A 194 14.09 -22.44 -5.61
N THR A 195 13.02 -22.36 -6.40
CA THR A 195 12.21 -23.54 -6.82
C THR A 195 13.09 -24.58 -7.49
N LYS A 196 13.93 -24.17 -8.44
CA LYS A 196 14.91 -25.06 -9.10
C LYS A 196 15.84 -25.71 -8.05
N ALA A 197 16.17 -25.04 -6.93
CA ALA A 197 17.03 -25.60 -5.87
C ALA A 197 16.21 -26.39 -4.85
N GLY A 198 14.95 -26.70 -5.15
CA GLY A 198 14.12 -27.61 -4.33
C GLY A 198 13.32 -26.88 -3.26
N LYS A 199 13.30 -25.55 -3.26
CA LYS A 199 12.58 -24.80 -2.19
C LYS A 199 11.11 -24.65 -2.58
N ARG A 200 10.27 -24.60 -1.55
CA ARG A 200 8.83 -24.27 -1.68
C ARG A 200 8.62 -22.78 -1.51
N VAL A 201 8.18 -22.10 -2.55
CA VAL A 201 8.14 -20.63 -2.57
C VAL A 201 6.72 -20.15 -2.75
N ILE A 202 6.33 -19.17 -1.95
CA ILE A 202 5.05 -18.45 -2.15
C ILE A 202 5.45 -17.04 -2.53
N GLN A 203 4.79 -16.46 -3.53
CA GLN A 203 5.03 -15.05 -3.95
C GLN A 203 3.85 -14.18 -3.56
N LEU A 204 4.12 -13.06 -2.90
CA LEU A 204 3.10 -12.06 -2.52
C LEU A 204 3.38 -10.72 -3.21
N SER A 205 2.34 -10.08 -3.72
CA SER A 205 2.36 -8.69 -4.22
C SER A 205 0.97 -8.09 -3.96
N ARG A 206 0.80 -6.79 -4.21
CA ARG A 206 -0.48 -6.10 -3.94
C ARG A 206 -1.66 -6.85 -4.57
N LYS A 207 -1.56 -7.22 -5.86
CA LYS A 207 -2.72 -7.78 -6.63
C LYS A 207 -3.02 -9.21 -6.15
N THR A 208 -2.04 -9.93 -5.65
CA THR A 208 -2.23 -11.35 -5.25
C THR A 208 -2.35 -11.50 -3.73
N PHE A 209 -2.12 -10.43 -2.94
CA PHE A 209 -1.91 -10.50 -1.47
C PHE A 209 -2.97 -11.36 -0.75
N GLU A 210 -4.26 -11.01 -0.76
CA GLU A 210 -5.22 -11.77 0.12
C GLU A 210 -5.20 -13.24 -0.24
N THR A 211 -5.34 -13.57 -1.53
CA THR A 211 -5.39 -14.97 -2.01
C THR A 211 -4.14 -15.71 -1.57
N GLU A 212 -2.97 -15.18 -1.92
CA GLU A 212 -1.70 -15.92 -1.79
C GLU A 212 -1.31 -15.99 -0.31
N PHE A 213 -1.64 -14.97 0.49
CA PHE A 213 -1.24 -14.93 1.92
C PHE A 213 -1.82 -16.17 2.63
N GLN A 214 -3.03 -16.64 2.23
CA GLN A 214 -3.65 -17.82 2.91
C GLN A 214 -2.75 -19.06 2.78
N LYS A 215 -1.97 -19.17 1.69
CA LYS A 215 -1.05 -20.31 1.46
C LYS A 215 0.02 -20.40 2.57
N THR A 216 0.36 -19.27 3.21
CA THR A 216 1.41 -19.23 4.25
C THR A 216 0.86 -19.94 5.49
N LYS A 217 -0.48 -20.05 5.59
CA LYS A 217 -1.16 -20.75 6.71
C LYS A 217 -1.53 -22.19 6.33
N ASN A 218 -1.98 -22.42 5.09
CA ASN A 218 -2.66 -23.68 4.66
C ASN A 218 -1.62 -24.72 4.24
N GLN A 219 -0.38 -24.34 3.96
CA GLN A 219 0.61 -25.30 3.41
C GLN A 219 1.99 -24.96 3.95
N GLU A 220 2.90 -25.92 3.83
CA GLU A 220 4.29 -25.77 4.31
C GLU A 220 5.07 -25.04 3.20
N TRP A 221 6.00 -24.21 3.60
CA TRP A 221 6.77 -23.37 2.66
C TRP A 221 8.13 -23.12 3.28
N ASP A 222 9.09 -22.81 2.41
CA ASP A 222 10.48 -22.53 2.81
C ASP A 222 10.75 -21.02 2.67
N PHE A 223 10.22 -20.41 1.61
CA PHE A 223 10.41 -18.96 1.35
C PHE A 223 9.09 -18.30 1.01
N VAL A 224 8.86 -17.12 1.56
CA VAL A 224 7.89 -16.15 0.99
C VAL A 224 8.72 -15.08 0.27
N ILE A 225 8.42 -14.86 -1.00
CA ILE A 225 9.05 -13.78 -1.80
C ILE A 225 7.99 -12.68 -1.90
N THR A 226 8.27 -11.51 -1.36
CA THR A 226 7.24 -10.45 -1.27
C THR A 226 7.82 -9.10 -1.66
N THR A 227 6.94 -8.26 -2.19
CA THR A 227 7.18 -6.81 -2.33
C THR A 227 6.91 -6.16 -0.97
N ASP A 228 6.97 -4.84 -0.95
CA ASP A 228 6.83 -3.97 0.26
C ASP A 228 5.43 -4.10 0.88
N ILE A 229 4.45 -4.73 0.22
CA ILE A 229 3.08 -4.84 0.77
C ILE A 229 3.13 -5.60 2.13
N SER A 230 4.13 -6.46 2.33
CA SER A 230 4.18 -7.29 3.58
C SER A 230 4.73 -6.46 4.73
N GLU A 231 5.08 -5.19 4.49
CA GLU A 231 5.41 -4.23 5.57
C GLU A 231 4.15 -3.88 6.37
N MET A 232 2.95 -4.12 5.86
CA MET A 232 1.72 -3.54 6.46
C MET A 232 1.01 -4.61 7.30
N GLY A 233 1.69 -5.14 8.30
CA GLY A 233 1.09 -5.92 9.37
C GLY A 233 0.88 -7.38 9.01
N ALA A 234 1.54 -7.88 7.96
CA ALA A 234 1.47 -9.28 7.50
C ALA A 234 2.32 -10.11 8.46
N ASN A 235 1.76 -11.10 9.14
CA ASN A 235 2.54 -11.91 10.11
C ASN A 235 2.80 -13.29 9.54
N PHE A 236 4.02 -13.75 9.78
CA PHE A 236 4.53 -15.03 9.27
C PHE A 236 5.07 -15.79 10.48
N LYS A 237 5.06 -17.11 10.45
CA LYS A 237 5.79 -17.91 11.48
C LYS A 237 7.16 -18.19 10.85
N ALA A 238 8.04 -17.18 10.81
CA ALA A 238 9.34 -17.29 10.13
C ALA A 238 10.49 -17.07 11.13
N ASP A 239 11.69 -17.47 10.76
CA ASP A 239 12.85 -17.21 11.64
C ASP A 239 13.91 -16.42 10.88
N ARG A 240 13.65 -15.98 9.64
CA ARG A 240 14.65 -15.17 8.92
C ARG A 240 13.93 -14.22 7.97
N VAL A 241 14.40 -12.99 7.93
CA VAL A 241 14.09 -12.05 6.83
C VAL A 241 15.37 -11.83 6.04
N ILE A 242 15.26 -11.94 4.73
CA ILE A 242 16.28 -11.46 3.76
C ILE A 242 15.71 -10.19 3.14
N ASP A 243 16.42 -9.10 3.25
CA ASP A 243 15.91 -7.79 2.79
C ASP A 243 16.89 -7.18 1.81
N SER A 244 16.52 -7.10 0.52
CA SER A 244 17.24 -6.37 -0.53
C SER A 244 17.49 -4.94 -0.08
N ARG A 245 16.62 -4.40 0.78
CA ARG A 245 16.59 -2.98 1.19
C ARG A 245 16.38 -2.10 -0.04
N ARG A 246 15.73 -2.62 -1.09
CA ARG A 246 15.50 -1.82 -2.30
C ARG A 246 14.04 -1.88 -2.71
N CYS A 247 13.64 -0.85 -3.44
CA CYS A 247 12.25 -0.61 -3.84
C CYS A 247 12.28 0.17 -5.15
N LEU A 248 11.20 0.09 -5.89
CA LEU A 248 11.00 0.95 -7.08
C LEU A 248 10.28 2.19 -6.61
N LYS A 249 10.58 3.32 -7.22
CA LYS A 249 10.01 4.64 -6.86
C LYS A 249 9.29 5.17 -8.08
N PRO A 250 7.96 5.33 -8.07
CA PRO A 250 7.30 6.01 -9.17
C PRO A 250 7.67 7.49 -9.08
N VAL A 251 8.06 8.06 -10.21
CA VAL A 251 8.55 9.44 -10.32
C VAL A 251 7.87 10.04 -11.54
N ILE A 252 7.26 11.18 -11.33
CA ILE A 252 6.62 11.97 -12.40
C ILE A 252 7.73 12.80 -13.03
N LEU A 253 8.01 12.61 -14.32
CA LEU A 253 9.05 13.39 -15.04
C LEU A 253 8.40 14.51 -15.84
N ASP A 254 8.80 15.76 -15.64
CA ASP A 254 8.35 16.92 -16.45
C ASP A 254 6.82 17.04 -16.43
N GLY A 255 6.14 16.63 -15.37
CA GLY A 255 4.67 16.67 -15.25
C GLY A 255 3.93 15.85 -16.30
N GLU A 256 4.63 14.99 -17.05
CA GLU A 256 4.17 14.44 -18.37
C GLU A 256 4.04 12.91 -18.38
N ARG A 257 4.79 12.18 -17.54
CA ARG A 257 4.91 10.72 -17.62
C ARG A 257 5.34 10.23 -16.25
N VAL A 258 5.08 8.97 -15.97
CA VAL A 258 5.52 8.34 -14.69
C VAL A 258 6.47 7.21 -15.09
N ILE A 259 7.67 7.19 -14.50
CA ILE A 259 8.62 6.08 -14.69
C ILE A 259 8.74 5.39 -13.33
N LEU A 260 9.18 4.12 -13.34
CA LEU A 260 9.54 3.38 -12.12
C LEU A 260 11.07 3.41 -12.01
N ALA A 261 11.55 4.31 -11.15
CA ALA A 261 12.98 4.58 -10.92
C ALA A 261 13.50 3.56 -9.93
N GLY A 262 14.78 3.26 -10.05
CA GLY A 262 15.47 2.36 -9.11
C GLY A 262 15.76 1.03 -9.78
N PRO A 263 15.84 -0.08 -9.02
CA PRO A 263 15.61 -0.07 -7.59
C PRO A 263 16.57 0.83 -6.82
N MET A 264 16.08 1.36 -5.72
CA MET A 264 16.87 2.26 -4.87
C MET A 264 16.55 1.96 -3.42
N PRO A 265 17.25 2.61 -2.48
CA PRO A 265 17.14 2.23 -1.08
C PRO A 265 15.73 2.50 -0.54
N VAL A 266 15.31 1.62 0.37
CA VAL A 266 14.07 1.85 1.13
C VAL A 266 14.30 2.91 2.18
N THR A 267 13.20 3.42 2.74
CA THR A 267 13.24 4.30 3.92
C THR A 267 13.64 3.48 5.14
N HIS A 268 14.02 4.19 6.18
CA HIS A 268 14.21 3.57 7.53
C HIS A 268 12.92 2.91 8.00
N ALA A 269 11.78 3.58 7.84
CA ALA A 269 10.49 2.99 8.25
C ALA A 269 10.31 1.65 7.58
N SER A 270 10.48 1.58 6.26
CA SER A 270 10.28 0.33 5.52
C SER A 270 11.25 -0.74 6.03
N ALA A 271 12.52 -0.40 6.21
CA ALA A 271 13.56 -1.36 6.66
C ALA A 271 13.15 -1.91 8.03
N ALA A 272 12.67 -1.03 8.92
CA ALA A 272 12.28 -1.45 10.29
C ALA A 272 11.06 -2.38 10.22
N GLN A 273 10.12 -2.11 9.31
CA GLN A 273 8.90 -2.94 9.18
C GLN A 273 9.24 -4.30 8.55
N ARG A 274 10.16 -4.33 7.60
CA ARG A 274 10.62 -5.60 6.96
C ARG A 274 11.28 -6.45 8.05
N ARG A 275 12.25 -5.87 8.73
CA ARG A 275 12.97 -6.53 9.85
C ARG A 275 11.94 -7.00 10.89
N GLY A 276 10.94 -6.16 11.16
CA GLY A 276 9.94 -6.39 12.24
C GLY A 276 9.02 -7.55 11.95
N ARG A 277 9.14 -8.21 10.79
CA ARG A 277 8.40 -9.46 10.52
C ARG A 277 8.92 -10.56 11.45
N ILE A 278 10.16 -10.44 11.92
CA ILE A 278 10.76 -11.51 12.76
C ILE A 278 11.16 -10.93 14.11
N GLY A 279 11.63 -11.77 15.05
CA GLY A 279 11.89 -11.32 16.42
C GLY A 279 10.60 -11.11 17.20
N ARG A 280 9.47 -11.62 16.72
CA ARG A 280 8.16 -11.30 17.31
C ARG A 280 7.84 -12.29 18.44
N ASN A 281 8.55 -13.42 18.52
CA ASN A 281 8.20 -14.47 19.52
C ASN A 281 9.20 -14.39 20.67
N PRO A 282 8.78 -13.98 21.89
CA PRO A 282 9.72 -13.78 22.98
C PRO A 282 10.41 -15.09 23.37
N ASN A 283 9.80 -16.22 23.01
CA ASN A 283 10.31 -17.60 23.27
C ASN A 283 11.25 -18.10 22.18
N LYS A 284 11.49 -17.34 21.11
CA LYS A 284 12.36 -17.78 19.98
C LYS A 284 13.34 -16.67 19.68
N PRO A 285 14.43 -16.54 20.46
CA PRO A 285 15.49 -15.60 20.16
C PRO A 285 16.32 -16.05 18.96
N GLY A 286 16.99 -15.09 18.34
CA GLY A 286 17.99 -15.33 17.29
C GLY A 286 17.36 -15.54 15.94
N ASP A 287 16.15 -15.02 15.75
CA ASP A 287 15.66 -14.80 14.38
C ASP A 287 16.71 -13.91 13.69
N GLU A 288 16.87 -14.10 12.39
CA GLU A 288 17.93 -13.44 11.59
C GLU A 288 17.35 -12.42 10.62
N TYR A 289 17.99 -11.27 10.53
CA TYR A 289 17.69 -10.22 9.53
C TYR A 289 18.96 -9.97 8.73
N MET A 290 18.89 -10.34 7.45
CA MET A 290 20.03 -10.20 6.51
C MET A 290 19.67 -9.08 5.57
N TYR A 291 20.46 -8.02 5.55
CA TYR A 291 20.05 -6.82 4.79
C TYR A 291 21.16 -6.47 3.81
N GLY A 292 20.74 -6.09 2.61
CA GLY A 292 21.58 -5.99 1.41
C GLY A 292 21.90 -4.58 0.95
N GLY A 293 21.66 -3.57 1.79
CA GLY A 293 21.92 -2.17 1.43
C GLY A 293 21.54 -1.24 2.55
N GLY A 294 21.83 0.03 2.36
CA GLY A 294 21.51 1.11 3.31
C GLY A 294 20.08 1.60 3.11
N CYS A 295 19.67 2.50 3.99
CA CYS A 295 18.36 3.19 3.89
C CYS A 295 18.59 4.62 3.38
N ALA A 296 17.56 5.20 2.78
CA ALA A 296 17.63 6.61 2.36
C ALA A 296 16.20 7.13 2.37
N GLU A 297 15.99 8.45 2.37
N GLU A 297 16.08 8.46 2.26
CA GLU A 297 14.60 8.97 2.43
CA GLU A 297 14.81 9.23 2.23
C GLU A 297 14.11 9.15 0.98
C GLU A 297 14.25 9.19 0.81
N THR A 298 13.86 8.00 0.33
CA THR A 298 13.40 7.86 -1.08
C THR A 298 11.90 8.14 -1.19
N ASP A 299 11.20 8.52 -0.10
CA ASP A 299 9.80 9.00 -0.21
C ASP A 299 9.77 10.45 -0.68
N GLU A 300 10.88 11.17 -0.59
CA GLU A 300 10.95 12.58 -1.07
C GLU A 300 10.81 12.55 -2.59
N GLY A 301 9.82 13.22 -3.16
CA GLY A 301 9.59 13.27 -4.62
C GLY A 301 8.94 12.02 -5.18
N HIS A 302 8.49 11.10 -4.32
CA HIS A 302 7.83 9.83 -4.70
C HIS A 302 6.41 10.19 -5.20
N ALA A 303 5.94 9.65 -6.32
CA ALA A 303 4.65 10.06 -6.92
C ALA A 303 3.49 9.85 -5.93
N HIS A 304 3.60 8.91 -4.99
CA HIS A 304 2.45 8.65 -4.09
C HIS A 304 2.01 9.91 -3.36
N TRP A 305 2.92 10.82 -3.01
CA TRP A 305 2.56 12.03 -2.21
C TRP A 305 1.87 13.07 -3.10
N LEU A 306 2.24 13.15 -4.37
CA LEU A 306 1.51 14.00 -5.34
C LEU A 306 0.14 13.36 -5.59
N GLU A 307 0.08 12.04 -5.82
CA GLU A 307 -1.24 11.35 -6.00
C GLU A 307 -2.14 11.61 -4.78
N ALA A 308 -1.60 11.54 -3.56
CA ALA A 308 -2.39 11.82 -2.34
C ALA A 308 -3.02 13.22 -2.41
N ARG A 309 -2.26 14.21 -2.89
CA ARG A 309 -2.77 15.59 -3.08
C ARG A 309 -3.89 15.58 -4.12
N MET A 310 -3.76 14.82 -5.20
CA MET A 310 -4.82 14.72 -6.22
C MET A 310 -6.11 14.17 -5.57
N LEU A 311 -5.98 13.19 -4.70
CA LEU A 311 -7.15 12.60 -4.03
C LEU A 311 -7.76 13.66 -3.08
N LEU A 312 -6.92 14.25 -2.24
CA LEU A 312 -7.43 15.19 -1.20
C LEU A 312 -8.04 16.42 -1.85
N ASP A 313 -7.52 16.87 -2.99
CA ASP A 313 -8.07 18.06 -3.68
C ASP A 313 -9.51 17.79 -4.11
N ASN A 314 -9.93 16.52 -4.18
CA ASN A 314 -11.23 16.11 -4.76
C ASN A 314 -12.11 15.54 -3.64
N ILE A 315 -11.75 15.76 -2.38
CA ILE A 315 -12.58 15.37 -1.22
C ILE A 315 -13.18 16.62 -0.58
N TYR A 316 -14.51 16.66 -0.46
CA TYR A 316 -15.17 17.80 0.22
C TYR A 316 -14.79 17.78 1.68
N LEU A 317 -14.38 18.92 2.23
CA LEU A 317 -14.11 19.03 3.68
C LEU A 317 -15.09 20.03 4.29
N GLN A 318 -15.01 21.27 3.82
CA GLN A 318 -15.92 22.38 4.20
C GLN A 318 -15.70 23.48 3.17
N ASP A 319 -16.79 24.02 2.65
CA ASP A 319 -16.88 24.99 1.53
C ASP A 319 -15.80 24.70 0.47
N GLY A 320 -14.87 25.63 0.28
CA GLY A 320 -13.78 25.43 -0.68
C GLY A 320 -12.52 24.92 -0.01
N LEU A 321 -12.56 24.70 1.32
CA LEU A 321 -11.37 24.27 2.09
C LEU A 321 -10.92 22.90 1.61
N ILE A 322 -9.63 22.66 1.71
CA ILE A 322 -9.01 21.40 1.22
C ILE A 322 -8.09 20.87 2.32
N ALA A 323 -8.19 19.58 2.58
CA ALA A 323 -7.39 18.91 3.61
C ALA A 323 -5.92 18.97 3.18
N SER A 324 -5.07 19.25 4.15
CA SER A 324 -3.61 19.23 4.01
C SER A 324 -3.14 17.80 4.24
N LEU A 325 -1.96 17.46 3.73
CA LEU A 325 -1.23 16.26 4.17
C LEU A 325 -0.94 16.36 5.66
N TYR A 326 -0.87 15.21 6.31
CA TYR A 326 -0.40 15.08 7.70
C TYR A 326 0.98 15.76 7.78
N ARG A 327 1.16 16.64 8.76
CA ARG A 327 2.31 17.58 8.77
C ARG A 327 3.65 16.86 8.55
N PRO A 328 4.00 15.77 9.27
CA PRO A 328 5.33 15.15 9.10
C PRO A 328 5.63 14.58 7.71
N GLU A 329 4.62 14.48 6.84
CA GLU A 329 4.90 13.95 5.48
C GLU A 329 4.53 14.99 4.43
N ALA A 330 4.22 16.22 4.83
CA ALA A 330 3.70 17.27 3.91
C ALA A 330 4.80 17.82 2.97
N ASP A 331 6.08 17.68 3.32
CA ASP A 331 7.21 18.23 2.51
C ASP A 331 7.67 17.22 1.46
N LYS A 332 7.05 16.05 1.38
CA LYS A 332 7.50 14.97 0.45
C LYS A 332 7.13 15.35 -0.97
N VAL A 333 6.25 16.33 -1.12
CA VAL A 333 5.79 16.77 -2.45
C VAL A 333 5.74 18.29 -2.46
N ALA A 334 6.02 18.88 -3.62
CA ALA A 334 5.94 20.33 -3.85
C ALA A 334 4.65 20.55 -4.64
N ALA A 335 3.52 20.56 -3.96
CA ALA A 335 2.20 20.72 -4.62
C ALA A 335 1.45 21.85 -3.93
N ILE A 336 0.58 22.46 -4.72
CA ILE A 336 -0.32 23.59 -4.35
C ILE A 336 -1.66 22.95 -3.94
N GLU A 337 -2.04 23.06 -2.68
CA GLU A 337 -3.37 22.60 -2.19
C GLU A 337 -4.44 23.18 -3.12
N GLY A 338 -5.27 22.31 -3.70
CA GLY A 338 -6.32 22.73 -4.64
C GLY A 338 -5.90 22.72 -6.11
N GLU A 339 -4.63 22.53 -6.46
CA GLU A 339 -4.25 22.58 -7.88
C GLU A 339 -4.93 21.47 -8.66
N PHE A 340 -5.37 20.37 -8.02
CA PHE A 340 -5.92 19.18 -8.73
C PHE A 340 -7.43 19.08 -8.54
N LYS A 341 -8.05 20.12 -7.99
CA LYS A 341 -9.51 20.11 -7.77
C LYS A 341 -10.23 20.07 -9.11
N LEU A 342 -11.08 19.08 -9.30
CA LEU A 342 -11.83 18.92 -10.58
C LEU A 342 -13.27 19.41 -10.41
N ARG A 343 -13.84 19.90 -11.51
CA ARG A 343 -15.31 20.16 -11.61
C ARG A 343 -16.08 18.82 -11.48
N THR A 344 -17.37 18.90 -11.10
CA THR A 344 -18.21 17.74 -10.69
C THR A 344 -18.05 16.58 -11.68
N GLU A 345 -18.23 16.80 -12.97
CA GLU A 345 -18.26 15.70 -13.97
C GLU A 345 -16.86 15.11 -14.14
N GLN A 346 -15.83 15.95 -14.24
CA GLN A 346 -14.44 15.45 -14.37
C GLN A 346 -14.09 14.67 -13.09
N ARG A 347 -14.53 15.13 -11.93
CA ARG A 347 -14.23 14.43 -10.66
C ARG A 347 -14.88 13.05 -10.70
N LYS A 348 -16.13 12.94 -11.16
CA LYS A 348 -16.79 11.63 -11.27
C LYS A 348 -15.97 10.72 -12.18
N THR A 349 -15.48 11.24 -13.29
CA THR A 349 -14.65 10.47 -14.27
C THR A 349 -13.37 10.00 -13.56
N PHE A 350 -12.75 10.90 -12.82
CA PHE A 350 -11.50 10.63 -12.09
C PHE A 350 -11.73 9.45 -11.16
N VAL A 351 -12.80 9.51 -10.39
CA VAL A 351 -13.16 8.42 -9.44
C VAL A 351 -13.37 7.10 -10.19
N GLU A 352 -14.16 7.12 -11.27
CA GLU A 352 -14.47 5.86 -11.96
C GLU A 352 -13.21 5.26 -12.57
N LEU A 353 -12.31 6.07 -13.11
CA LEU A 353 -11.04 5.57 -13.74
C LEU A 353 -10.19 4.85 -12.67
N MET A 354 -10.28 5.30 -11.42
CA MET A 354 -9.59 4.58 -10.32
C MET A 354 -10.38 3.35 -9.88
N LYS A 355 -11.65 3.52 -9.55
CA LYS A 355 -12.47 2.46 -8.90
C LYS A 355 -12.72 1.29 -9.87
N ARG A 356 -13.28 1.58 -11.04
CA ARG A 356 -13.62 0.56 -12.07
C ARG A 356 -12.42 0.39 -12.99
N GLY A 357 -11.81 1.49 -13.42
CA GLY A 357 -10.71 1.43 -14.39
C GLY A 357 -9.45 0.80 -13.82
N ASP A 358 -9.30 0.86 -12.50
CA ASP A 358 -8.09 0.37 -11.77
C ASP A 358 -6.84 1.07 -12.27
N LEU A 359 -6.95 2.31 -12.74
CA LEU A 359 -5.75 3.07 -13.17
C LEU A 359 -5.07 3.71 -11.97
N PRO A 360 -3.75 3.92 -12.05
CA PRO A 360 -3.04 4.72 -11.06
C PRO A 360 -3.70 6.10 -10.96
N VAL A 361 -3.62 6.68 -9.77
CA VAL A 361 -4.20 8.01 -9.50
C VAL A 361 -3.71 9.02 -10.56
N TRP A 362 -2.39 9.10 -10.75
CA TRP A 362 -1.82 10.12 -11.65
C TRP A 362 -2.43 9.98 -13.05
N LEU A 363 -2.48 8.77 -13.57
CA LEU A 363 -3.03 8.54 -14.92
C LEU A 363 -4.53 8.86 -14.97
N ALA A 364 -5.31 8.37 -14.01
CA ALA A 364 -6.75 8.72 -13.89
C ALA A 364 -6.92 10.24 -13.96
N TYR A 365 -6.10 10.98 -13.24
CA TYR A 365 -6.19 12.45 -13.22
C TYR A 365 -5.93 13.06 -14.61
N GLN A 366 -4.88 12.61 -15.30
CA GLN A 366 -4.55 13.14 -16.65
C GLN A 366 -5.77 12.97 -17.55
N VAL A 367 -6.37 11.79 -17.54
CA VAL A 367 -7.50 11.48 -18.45
C VAL A 367 -8.71 12.37 -18.07
N ALA A 368 -9.11 12.34 -16.80
CA ALA A 368 -10.28 13.10 -16.30
C ALA A 368 -10.09 14.60 -16.57
N SER A 369 -8.90 15.14 -16.28
CA SER A 369 -8.62 16.59 -16.37
C SER A 369 -8.54 17.02 -17.84
N ALA A 370 -8.37 16.07 -18.77
CA ALA A 370 -8.41 16.37 -20.23
C ALA A 370 -9.85 16.43 -20.75
N GLY A 371 -10.85 16.18 -19.90
CA GLY A 371 -12.30 16.18 -20.24
C GLY A 371 -12.71 14.94 -21.02
N ILE A 372 -11.95 13.85 -20.91
CA ILE A 372 -12.26 12.53 -21.51
C ILE A 372 -13.24 11.81 -20.60
N THR A 373 -14.26 11.18 -21.17
CA THR A 373 -15.22 10.38 -20.38
C THR A 373 -14.73 8.95 -20.17
N TYR A 374 -15.33 8.28 -19.19
CA TYR A 374 -14.74 7.05 -18.63
C TYR A 374 -14.55 6.00 -19.73
N THR A 375 -15.53 5.85 -20.62
CA THR A 375 -15.57 4.73 -21.62
C THR A 375 -14.84 5.11 -22.91
N ASP A 376 -14.32 6.33 -23.01
CA ASP A 376 -13.65 6.82 -24.24
C ASP A 376 -12.17 6.43 -24.14
N ARG A 377 -11.75 5.40 -24.88
CA ARG A 377 -10.39 4.82 -24.79
C ARG A 377 -9.50 5.24 -25.95
N ARG A 378 -9.93 6.22 -26.76
CA ARG A 378 -9.11 6.67 -27.90
C ARG A 378 -7.72 7.08 -27.42
N TRP A 379 -7.63 7.69 -26.22
CA TRP A 379 -6.33 8.14 -25.65
C TRP A 379 -5.36 6.98 -25.46
N CYS A 380 -5.81 5.73 -25.41
CA CYS A 380 -4.91 4.59 -25.19
C CYS A 380 -4.07 4.31 -26.44
N PHE A 381 -4.38 4.96 -27.57
CA PHE A 381 -3.88 4.61 -28.91
C PHE A 381 -3.26 5.83 -29.61
N ASP A 382 -3.42 7.04 -29.09
CA ASP A 382 -3.15 8.26 -29.89
C ASP A 382 -1.97 9.04 -29.31
N GLY A 383 -1.19 8.40 -28.44
CA GLY A 383 0.04 9.00 -27.91
C GLY A 383 1.16 9.07 -28.93
N THR A 384 2.24 9.77 -28.57
CA THR A 384 3.48 9.87 -29.39
C THR A 384 4.13 8.48 -29.42
N THR A 385 4.93 8.22 -30.44
CA THR A 385 5.50 6.88 -30.71
C THR A 385 6.36 6.44 -29.50
N ASN A 386 6.95 7.39 -28.79
CA ASN A 386 7.82 7.15 -27.60
C ASN A 386 6.98 6.54 -26.47
N ASN A 387 5.66 6.70 -26.52
CA ASN A 387 4.69 6.17 -25.50
C ASN A 387 4.25 4.74 -25.85
N THR A 388 4.77 4.14 -26.93
CA THR A 388 4.48 2.75 -27.29
C THR A 388 4.80 1.78 -26.14
N ILE A 389 3.84 0.97 -25.76
CA ILE A 389 4.07 -0.03 -24.72
C ILE A 389 4.60 -1.28 -25.41
N MET A 390 5.68 -1.82 -24.89
CA MET A 390 6.35 -3.00 -25.46
C MET A 390 5.92 -4.23 -24.68
N GLU A 391 5.69 -5.35 -25.38
N GLU A 391 5.75 -5.35 -25.39
CA GLU A 391 5.48 -6.70 -24.77
CA GLU A 391 5.44 -6.71 -24.86
C GLU A 391 6.42 -7.68 -25.48
C GLU A 391 6.43 -7.69 -25.51
N ASP A 392 7.37 -8.27 -24.74
CA ASP A 392 8.42 -9.18 -25.27
C ASP A 392 9.20 -8.50 -26.41
N SER A 393 9.50 -7.22 -26.25
CA SER A 393 10.39 -6.40 -27.10
C SER A 393 9.77 -6.13 -28.48
N VAL A 394 8.43 -6.28 -28.62
CA VAL A 394 7.63 -5.81 -29.79
C VAL A 394 6.51 -4.90 -29.27
N PRO A 395 6.02 -3.89 -30.04
CA PRO A 395 4.86 -3.11 -29.61
C PRO A 395 3.72 -4.04 -29.17
N ALA A 396 3.13 -3.78 -28.00
CA ALA A 396 1.91 -4.48 -27.54
C ALA A 396 0.76 -4.08 -28.44
N GLU A 397 -0.14 -5.01 -28.73
CA GLU A 397 -1.29 -4.75 -29.62
C GLU A 397 -2.57 -5.20 -28.92
N VAL A 398 -3.66 -4.49 -29.17
CA VAL A 398 -4.99 -4.91 -28.63
C VAL A 398 -6.02 -4.71 -29.73
N TRP A 399 -7.11 -5.45 -29.65
CA TRP A 399 -8.28 -5.09 -30.48
C TRP A 399 -9.06 -4.02 -29.74
N THR A 400 -9.29 -2.92 -30.40
CA THR A 400 -10.11 -1.82 -29.88
C THR A 400 -11.55 -2.33 -29.79
N LYS A 401 -12.35 -1.60 -29.03
CA LYS A 401 -13.78 -1.85 -28.92
C LYS A 401 -14.43 -1.77 -30.31
N TYR A 402 -13.73 -1.19 -31.29
CA TYR A 402 -14.25 -1.02 -32.67
C TYR A 402 -13.91 -2.26 -33.51
N GLY A 403 -13.06 -3.14 -33.02
CA GLY A 403 -12.67 -4.39 -33.72
C GLY A 403 -11.41 -4.16 -34.56
N GLU A 404 -10.67 -3.07 -34.33
CA GLU A 404 -9.41 -2.77 -35.05
C GLU A 404 -8.23 -3.23 -34.19
N LYS A 405 -7.23 -3.92 -34.77
CA LYS A 405 -5.96 -4.19 -34.03
C LYS A 405 -5.14 -2.91 -34.06
N ARG A 406 -4.75 -2.40 -32.88
CA ARG A 406 -3.93 -1.18 -32.79
C ARG A 406 -2.79 -1.40 -31.79
N VAL A 407 -1.71 -0.69 -32.06
CA VAL A 407 -0.57 -0.58 -31.12
C VAL A 407 -1.04 0.22 -29.90
N LEU A 408 -0.73 -0.33 -28.75
CA LEU A 408 -0.95 0.32 -27.45
C LEU A 408 0.06 1.45 -27.30
N LYS A 409 -0.43 2.67 -27.32
CA LYS A 409 0.39 3.89 -27.38
C LYS A 409 -0.38 4.98 -26.65
N PRO A 410 -0.41 4.94 -25.30
CA PRO A 410 -1.25 5.87 -24.54
C PRO A 410 -0.74 7.29 -24.59
N ARG A 411 -1.69 8.22 -24.58
CA ARG A 411 -1.41 9.66 -24.66
C ARG A 411 -0.58 10.09 -23.45
N TRP A 412 -0.84 9.48 -22.29
CA TRP A 412 -0.03 9.62 -21.06
C TRP A 412 0.50 8.24 -20.71
N MET A 413 1.80 8.18 -20.44
CA MET A 413 2.52 6.93 -20.16
C MET A 413 2.78 6.88 -18.65
N ASP A 414 2.20 5.90 -17.98
CA ASP A 414 2.50 5.61 -16.55
C ASP A 414 3.02 4.16 -16.51
N ALA A 415 4.30 4.01 -16.20
CA ALA A 415 5.02 2.72 -16.19
C ALA A 415 4.33 1.69 -15.30
N ARG A 416 3.51 2.13 -14.37
CA ARG A 416 2.79 1.17 -13.50
C ARG A 416 1.75 0.37 -14.28
N VAL A 417 1.30 0.82 -15.46
CA VAL A 417 0.28 0.03 -16.21
C VAL A 417 0.96 -1.13 -16.94
N CYS A 418 2.30 -1.24 -16.94
CA CYS A 418 2.98 -2.33 -17.67
C CYS A 418 4.24 -2.77 -16.93
N SER A 419 4.23 -2.68 -15.59
CA SER A 419 5.38 -2.98 -14.70
C SER A 419 5.60 -4.50 -14.61
N ASP A 420 4.55 -5.28 -14.84
CA ASP A 420 4.61 -6.76 -14.80
C ASP A 420 3.54 -7.31 -15.75
N HIS A 421 3.58 -8.62 -15.99
CA HIS A 421 2.66 -9.27 -16.95
C HIS A 421 1.20 -8.98 -16.55
N ALA A 422 0.86 -9.12 -15.26
CA ALA A 422 -0.52 -8.94 -14.75
C ALA A 422 -0.99 -7.51 -15.05
N ALA A 423 -0.13 -6.52 -14.81
CA ALA A 423 -0.48 -5.08 -14.98
C ALA A 423 -0.77 -4.85 -16.46
N LEU A 424 0.13 -5.30 -17.34
CA LEU A 424 -0.05 -5.05 -18.79
C LEU A 424 -1.35 -5.73 -19.27
N LYS A 425 -1.60 -6.97 -18.82
CA LYS A 425 -2.83 -7.70 -19.18
C LYS A 425 -4.04 -6.83 -18.82
N SER A 426 -4.05 -6.28 -17.61
CA SER A 426 -5.17 -5.47 -17.09
C SER A 426 -5.28 -4.19 -17.93
N PHE A 427 -4.18 -3.56 -18.28
CA PHE A 427 -4.24 -2.31 -19.05
C PHE A 427 -4.68 -2.58 -20.49
N LYS A 428 -4.29 -3.72 -21.07
CA LYS A 428 -4.80 -4.08 -22.42
C LYS A 428 -6.32 -4.27 -22.39
N GLU A 429 -6.83 -4.87 -21.33
CA GLU A 429 -8.29 -5.12 -21.18
C GLU A 429 -8.98 -3.76 -21.09
N PHE A 430 -8.40 -2.85 -20.31
CA PHE A 430 -8.91 -1.47 -20.24
C PHE A 430 -8.90 -0.81 -21.63
N ALA A 431 -7.78 -0.82 -22.34
CA ALA A 431 -7.67 -0.14 -23.64
C ALA A 431 -8.70 -0.71 -24.64
N ALA A 432 -9.02 -2.00 -24.49
CA ALA A 432 -9.98 -2.75 -25.35
C ALA A 432 -11.45 -2.44 -24.99
N GLY A 433 -11.74 -1.67 -23.92
CA GLY A 433 -13.10 -1.34 -23.48
C GLY A 433 -13.76 -2.47 -22.69
N LYS A 434 -12.98 -3.37 -22.12
CA LYS A 434 -13.51 -4.58 -21.43
C LYS A 434 -13.91 -4.27 -19.99
N ARG A 435 -13.67 -3.06 -19.52
CA ARG A 435 -14.21 -2.63 -18.20
C ARG A 435 -14.31 -1.13 -18.16
C1 EDO B . -4.11 -3.40 -1.10
O1 EDO B . -3.16 -2.51 -1.64
C2 EDO B . -3.68 -4.82 -1.25
O2 EDO B . -4.41 -5.71 -0.43
P PO4 C . 1.78 -4.90 16.92
O1 PO4 C . 0.41 -4.66 16.29
O2 PO4 C . 2.17 -3.75 17.86
O3 PO4 C . 2.85 -5.00 15.85
O4 PO4 C . 1.75 -6.22 17.77
P PO4 D . 4.20 0.11 -7.56
O1 PO4 D . 2.79 0.54 -7.93
O2 PO4 D . 4.95 -0.35 -8.82
O3 PO4 D . 4.94 1.29 -6.92
O4 PO4 D . 4.14 -1.04 -6.57
C1 MPD E . -7.28 5.67 -4.65
C2 MPD E . -8.54 4.83 -4.60
O2 MPD E . -8.29 3.73 -5.51
CM MPD E . -8.74 4.24 -3.22
C3 MPD E . -9.76 5.64 -5.04
C4 MPD E . -10.79 5.06 -5.96
O4 MPD E . -10.83 3.63 -6.10
C5 MPD E . -12.15 5.70 -5.84
C1 7ZC F . 7.69 -3.08 -34.50
O2 7ZC F . 8.23 -1.85 -34.13
C3 7ZC F . 9.23 -1.78 -33.15
C4 7ZC F . 9.92 -2.92 -32.67
C5 7ZC F . 11.01 -2.78 -31.82
C6 7ZC F . 11.37 -1.48 -31.46
N7 7ZC F . 12.42 -1.03 -30.66
C8 7ZC F . 12.35 0.38 -30.57
C9 7ZC F . 11.24 0.79 -31.30
C10 7ZC F . 10.66 2.14 -31.35
N11 7ZC F . 9.81 2.42 -30.11
C12 7ZC F . 9.02 1.24 -29.62
C13 7ZC F . 8.91 3.58 -30.36
C14 7ZC F . 10.63 -0.35 -31.88
C15 7ZC F . 9.55 -0.50 -32.74
#